data_3U43
#
_entry.id   3U43
#
_cell.length_a   121.814
_cell.length_b   53.277
_cell.length_c   32.785
_cell.angle_alpha   90.000
_cell.angle_beta   90.000
_cell.angle_gamma   90.000
#
_symmetry.space_group_name_H-M   'P 21 21 2'
#
loop_
_entity.id
_entity.type
_entity.pdbx_description
1 polymer 'Colicin-E2 immunity protein'
2 polymer Colicin-E2
3 non-polymer 'ZINC ION'
4 non-polymer 'CALCIUM ION'
5 water water
#
loop_
_entity_poly.entity_id
_entity_poly.type
_entity_poly.pdbx_seq_one_letter_code
_entity_poly.pdbx_strand_id
1 'polypeptide(L)'
;MELKHSISDYTEAEFLEFVKKICRAEGATEEDDNKLVREFERLTEHPDGSDLIYYPRDDREDSPEGIVKEIKEWRAANGK
SGFKQGLEHHHHHH
;
A
2 'polypeptide(L)'
;MESKRNKPGKATGKGKPVGDKWLDDAGKDSGAPIPDRIADKLRDKEFKNFDDFRKKFWEEVSKDPDLSKQFKGSNKTNIQ
KGKAPFARKKDQVGGRERFELHHDKPISQDGGVYDMNNIRVTTPKRHIDIHRGK
;
B
#
# COMPACT_ATOMS: atom_id res chain seq x y z
N LEU A 3 -8.20 -24.45 0.41
CA LEU A 3 -7.03 -25.34 0.10
C LEU A 3 -5.74 -24.58 -0.14
N LYS A 4 -4.59 -25.27 -0.20
CA LYS A 4 -3.32 -24.52 -0.20
C LYS A 4 -2.24 -24.54 -1.31
N HIS A 5 -2.12 -25.58 -2.15
CA HIS A 5 -1.03 -25.60 -3.13
C HIS A 5 -1.20 -24.71 -4.34
N SER A 6 -2.43 -24.66 -4.84
CA SER A 6 -2.74 -24.03 -6.10
C SER A 6 -4.02 -23.22 -5.89
N ILE A 7 -4.24 -22.23 -6.76
CA ILE A 7 -5.56 -21.52 -6.74
C ILE A 7 -6.66 -22.53 -7.12
N SER A 8 -6.31 -23.60 -7.86
CA SER A 8 -7.32 -24.61 -8.22
CA SER A 8 -7.35 -24.61 -8.20
C SER A 8 -7.68 -25.55 -7.04
N ASP A 9 -7.02 -25.37 -5.88
CA ASP A 9 -7.46 -26.04 -4.69
C ASP A 9 -8.50 -25.26 -3.86
N TYR A 10 -8.70 -24.02 -4.23
CA TYR A 10 -9.71 -23.15 -3.60
C TYR A 10 -11.00 -23.22 -4.45
N THR A 11 -12.15 -23.31 -3.79
CA THR A 11 -13.36 -23.02 -4.51
C THR A 11 -13.39 -21.47 -4.73
N GLU A 12 -14.22 -21.02 -5.65
CA GLU A 12 -14.34 -19.53 -5.89
C GLU A 12 -14.75 -18.83 -4.58
N ALA A 13 -15.72 -19.40 -3.82
CA ALA A 13 -16.09 -18.76 -2.54
C ALA A 13 -14.89 -18.63 -1.59
N GLU A 14 -14.09 -19.70 -1.49
CA GLU A 14 -12.94 -19.65 -0.58
C GLU A 14 -11.91 -18.65 -1.08
N PHE A 15 -11.67 -18.59 -2.40
CA PHE A 15 -10.70 -17.59 -2.93
C PHE A 15 -11.27 -16.15 -2.69
N LEU A 16 -12.56 -15.97 -2.89
CA LEU A 16 -13.14 -14.63 -2.54
C LEU A 16 -12.97 -14.26 -1.08
N GLU A 17 -13.09 -15.21 -0.15
CA GLU A 17 -12.94 -14.89 1.28
C GLU A 17 -11.48 -14.44 1.50
N PHE A 18 -10.58 -15.09 0.78
CA PHE A 18 -9.16 -14.68 0.87
C PHE A 18 -8.94 -13.27 0.35
N VAL A 19 -9.48 -12.93 -0.83
CA VAL A 19 -9.36 -11.57 -1.33
C VAL A 19 -10.05 -10.56 -0.40
N LYS A 20 -11.22 -10.91 0.15
CA LYS A 20 -11.87 -10.04 1.11
C LYS A 20 -10.96 -9.68 2.29
N LYS A 21 -10.26 -10.71 2.76
CA LYS A 21 -9.39 -10.52 3.87
C LYS A 21 -8.30 -9.53 3.55
N ILE A 22 -7.72 -9.64 2.37
CA ILE A 22 -6.64 -8.69 2.00
C ILE A 22 -7.26 -7.29 1.92
N CYS A 23 -8.45 -7.18 1.33
CA CYS A 23 -9.05 -5.87 1.11
C CYS A 23 -9.47 -5.19 2.39
N ARG A 24 -9.63 -5.94 3.45
CA ARG A 24 -10.04 -5.34 4.70
C ARG A 24 -8.89 -4.63 5.35
N ALA A 25 -7.65 -5.08 5.03
CA ALA A 25 -6.41 -4.45 5.55
C ALA A 25 -6.41 -4.38 7.11
N GLU A 26 -6.86 -5.45 7.72
CA GLU A 26 -6.96 -5.54 9.19
C GLU A 26 -5.85 -6.33 9.83
N GLY A 27 -4.79 -6.61 9.09
CA GLY A 27 -3.71 -7.40 9.69
C GLY A 27 -3.19 -6.65 10.92
N ALA A 28 -2.73 -7.39 11.89
CA ALA A 28 -2.27 -6.72 13.12
C ALA A 28 -1.02 -5.88 12.82
N THR A 29 -0.28 -6.27 11.80
CA THR A 29 0.83 -5.48 11.28
C THR A 29 0.72 -5.48 9.76
N GLU A 30 1.42 -4.54 9.13
CA GLU A 30 1.47 -4.54 7.66
C GLU A 30 2.04 -5.83 7.09
N GLU A 31 3.06 -6.39 7.75
CA GLU A 31 3.72 -7.58 7.22
C GLU A 31 2.73 -8.80 7.17
N ASP A 32 1.74 -8.85 8.08
CA ASP A 32 0.78 -9.92 8.06
C ASP A 32 0.00 -9.81 6.74
N ASP A 33 -0.42 -8.59 6.39
CA ASP A 33 -1.17 -8.46 5.15
C ASP A 33 -0.27 -8.57 3.93
N ASN A 34 1.00 -8.06 4.02
CA ASN A 34 1.90 -8.26 2.90
C ASN A 34 2.09 -9.75 2.56
N LYS A 35 2.15 -10.57 3.59
CA LYS A 35 2.31 -12.02 3.35
C LYS A 35 1.09 -12.58 2.53
N LEU A 36 -0.11 -12.07 2.80
CA LEU A 36 -1.34 -12.51 2.05
C LEU A 36 -1.17 -12.06 0.57
N VAL A 37 -0.70 -10.81 0.35
CA VAL A 37 -0.55 -10.28 -0.96
C VAL A 37 0.46 -11.13 -1.78
N ARG A 38 1.59 -11.48 -1.14
CA ARG A 38 2.62 -12.28 -1.89
C ARG A 38 1.97 -13.66 -2.28
N GLU A 39 1.14 -14.17 -1.41
CA GLU A 39 0.52 -15.46 -1.68
C GLU A 39 -0.52 -15.32 -2.79
N PHE A 40 -1.24 -14.19 -2.75
CA PHE A 40 -2.16 -13.86 -3.86
C PHE A 40 -1.45 -13.84 -5.23
N GLU A 41 -0.25 -13.24 -5.27
CA GLU A 41 0.46 -13.21 -6.50
C GLU A 41 0.90 -14.63 -6.97
N ARG A 42 1.34 -15.44 -6.02
CA ARG A 42 1.73 -16.81 -6.29
C ARG A 42 0.55 -17.62 -6.84
N LEU A 43 -0.60 -17.48 -6.16
CA LEU A 43 -1.79 -18.29 -6.51
C LEU A 43 -2.34 -17.89 -7.87
N THR A 44 -2.52 -16.59 -8.11
CA THR A 44 -3.16 -16.14 -9.36
C THR A 44 -2.30 -16.37 -10.60
N GLU A 45 -0.97 -16.17 -10.45
CA GLU A 45 0.00 -16.24 -11.54
C GLU A 45 -0.28 -15.15 -12.55
N HIS A 46 -1.01 -14.12 -12.12
CA HIS A 46 -1.41 -13.09 -13.03
C HIS A 46 -0.31 -12.03 -13.16
N PRO A 47 -0.03 -11.55 -14.38
CA PRO A 47 1.17 -10.71 -14.56
C PRO A 47 1.08 -9.36 -13.80
N ASP A 48 -0.12 -8.91 -13.50
CA ASP A 48 -0.31 -7.61 -12.90
C ASP A 48 -0.08 -7.68 -11.42
N GLY A 49 -0.07 -8.90 -10.88
CA GLY A 49 0.12 -9.10 -9.44
C GLY A 49 -0.72 -8.23 -8.55
N SER A 50 -0.07 -7.59 -7.54
CA SER A 50 -0.83 -6.74 -6.57
C SER A 50 -1.59 -5.60 -7.22
N ASP A 51 -1.25 -5.25 -8.44
CA ASP A 51 -1.94 -4.10 -9.08
C ASP A 51 -3.40 -4.42 -9.29
N LEU A 52 -3.72 -5.71 -9.46
CA LEU A 52 -5.14 -6.10 -9.49
C LEU A 52 -5.93 -5.65 -8.26
N ILE A 53 -5.25 -5.63 -7.11
CA ILE A 53 -5.88 -5.24 -5.84
C ILE A 53 -5.85 -3.75 -5.69
N TYR A 54 -4.68 -3.15 -5.88
CA TYR A 54 -4.49 -1.73 -5.47
C TYR A 54 -4.54 -0.70 -6.60
N TYR A 55 -4.39 -1.17 -7.84
CA TYR A 55 -4.42 -0.29 -8.99
C TYR A 55 -5.31 -0.90 -10.09
N PRO A 56 -6.57 -1.18 -9.78
CA PRO A 56 -7.45 -1.88 -10.76
C PRO A 56 -7.79 -1.04 -11.96
N ARG A 57 -7.93 -1.73 -13.08
CA ARG A 57 -8.47 -1.15 -14.32
CA ARG A 57 -8.42 -1.06 -14.29
C ARG A 57 -9.79 -0.47 -14.04
N ASP A 58 -10.03 0.69 -14.66
CA ASP A 58 -11.27 1.47 -14.39
C ASP A 58 -12.53 0.85 -14.89
N ASP A 59 -12.44 -0.06 -15.84
CA ASP A 59 -13.67 -0.57 -16.39
C ASP A 59 -14.19 -1.90 -15.84
N ARG A 60 -13.75 -2.32 -14.65
CA ARG A 60 -14.47 -3.32 -13.92
C ARG A 60 -14.55 -2.80 -12.50
N GLU A 61 -15.18 -3.55 -11.63
CA GLU A 61 -15.52 -3.05 -10.31
C GLU A 61 -14.33 -3.09 -9.38
N ASP A 62 -14.14 -1.98 -8.61
CA ASP A 62 -13.08 -1.97 -7.60
C ASP A 62 -13.57 -2.58 -6.30
N SER A 63 -13.52 -3.92 -6.18
CA SER A 63 -14.11 -4.66 -5.06
C SER A 63 -13.45 -6.07 -5.06
N PRO A 64 -13.55 -6.81 -3.98
CA PRO A 64 -13.05 -8.19 -3.95
C PRO A 64 -13.76 -9.06 -5.02
N GLU A 65 -15.08 -8.88 -5.17
CA GLU A 65 -15.73 -9.58 -6.30
C GLU A 65 -15.20 -9.20 -7.65
N GLY A 66 -14.86 -7.94 -7.87
CA GLY A 66 -14.31 -7.55 -9.17
C GLY A 66 -12.91 -8.13 -9.44
N ILE A 67 -12.12 -8.20 -8.35
CA ILE A 67 -10.79 -8.76 -8.45
C ILE A 67 -10.94 -10.26 -8.81
N VAL A 68 -11.82 -10.99 -8.13
CA VAL A 68 -11.94 -12.41 -8.32
C VAL A 68 -12.43 -12.66 -9.76
N LYS A 69 -13.39 -11.86 -10.26
CA LYS A 69 -13.90 -12.01 -11.65
C LYS A 69 -12.80 -11.79 -12.69
N GLU A 70 -11.94 -10.75 -12.48
CA GLU A 70 -10.91 -10.47 -13.48
C GLU A 70 -9.90 -11.63 -13.50
N ILE A 71 -9.59 -12.15 -12.32
CA ILE A 71 -8.65 -13.31 -12.25
C ILE A 71 -9.31 -14.56 -12.95
N LYS A 72 -10.58 -14.82 -12.65
CA LYS A 72 -11.30 -15.99 -13.21
C LYS A 72 -11.22 -15.94 -14.73
N GLU A 73 -11.52 -14.74 -15.27
CA GLU A 73 -11.60 -14.56 -16.72
C GLU A 73 -10.22 -14.67 -17.36
N TRP A 74 -9.19 -14.16 -16.68
CA TRP A 74 -7.87 -14.19 -17.26
C TRP A 74 -7.33 -15.63 -17.32
N ARG A 75 -7.58 -16.39 -16.25
CA ARG A 75 -7.13 -17.80 -16.16
C ARG A 75 -7.88 -18.63 -17.25
N ALA A 76 -9.19 -18.46 -17.38
CA ALA A 76 -10.00 -19.11 -18.43
C ALA A 76 -9.44 -18.76 -19.82
N ALA A 77 -9.14 -17.48 -20.04
CA ALA A 77 -8.66 -16.97 -21.32
C ALA A 77 -7.33 -17.58 -21.66
N ASN A 78 -6.55 -17.90 -20.64
CA ASN A 78 -5.18 -18.33 -20.83
C ASN A 78 -4.95 -19.84 -20.66
N GLY A 79 -6.03 -20.61 -20.63
CA GLY A 79 -5.93 -22.05 -20.44
C GLY A 79 -5.30 -22.46 -19.11
N LYS A 80 -5.52 -21.70 -18.04
CA LYS A 80 -5.04 -22.19 -16.77
C LYS A 80 -6.18 -22.85 -16.03
N SER A 81 -5.86 -23.71 -15.07
CA SER A 81 -6.91 -24.41 -14.37
C SER A 81 -7.69 -23.37 -13.57
N GLY A 82 -8.99 -23.58 -13.45
CA GLY A 82 -9.80 -22.63 -12.67
C GLY A 82 -10.06 -23.07 -11.25
N PHE A 83 -11.11 -22.54 -10.61
CA PHE A 83 -11.38 -22.87 -9.17
C PHE A 83 -11.87 -24.31 -8.94
N LYS A 84 -11.66 -24.83 -7.75
CA LYS A 84 -12.29 -26.07 -7.38
C LYS A 84 -13.84 -25.98 -7.47
N GLN A 85 -14.51 -27.02 -7.96
CA GLN A 85 -15.98 -26.99 -7.92
C GLN A 85 -16.49 -26.95 -6.50
N GLY A 86 -17.48 -26.09 -6.21
CA GLY A 86 -18.02 -25.96 -4.85
C GLY A 86 -19.22 -26.89 -4.61
N LEU A 87 -19.98 -26.64 -3.53
CA LEU A 87 -21.21 -27.42 -3.26
C LEU A 87 -22.46 -26.62 -3.71
N GLU A 88 -22.24 -25.48 -4.37
CA GLU A 88 -23.39 -24.62 -4.74
C GLU A 88 -24.41 -25.33 -5.62
N HIS A 89 -24.00 -26.38 -6.35
CA HIS A 89 -24.95 -26.96 -7.36
C HIS A 89 -25.82 -28.08 -6.77
N HIS A 90 -25.44 -28.54 -5.58
CA HIS A 90 -26.10 -29.66 -4.91
C HIS A 90 -27.54 -29.34 -4.53
N HIS A 91 -28.39 -30.35 -4.67
CA HIS A 91 -29.82 -30.19 -4.47
C HIS A 91 -30.23 -30.79 -3.13
N HIS A 92 -30.99 -30.01 -2.36
CA HIS A 92 -31.57 -30.49 -1.11
C HIS A 92 -33.00 -30.92 -1.38
N HIS A 93 -33.38 -32.07 -0.83
CA HIS A 93 -34.74 -32.61 -0.94
C HIS A 93 -35.75 -31.82 -0.13
N HIS A 94 -37.01 -31.86 -0.59
CA HIS A 94 -38.12 -31.23 0.10
C HIS A 94 -39.29 -32.19 0.02
C HIS A 94 -39.41 -32.10 0.17
N SER B 3 18.00 3.38 15.19
CA SER B 3 18.14 3.83 16.60
C SER B 3 17.68 5.28 16.87
N LYS B 4 18.20 6.27 16.14
CA LYS B 4 17.65 7.62 16.27
C LYS B 4 16.13 7.64 15.87
N ARG B 5 15.71 6.72 14.99
CA ARG B 5 14.28 6.68 14.59
C ARG B 5 13.40 6.17 15.72
N ASN B 6 14.02 5.51 16.72
CA ASN B 6 13.33 4.96 17.87
CA ASN B 6 13.21 5.05 17.89
C ASN B 6 13.15 5.98 19.06
N LYS B 7 13.65 7.21 18.94
CA LYS B 7 13.41 8.19 19.99
C LYS B 7 12.24 9.08 19.66
N PRO B 8 11.53 9.59 20.69
CA PRO B 8 10.45 10.47 20.35
C PRO B 8 10.91 11.86 19.91
N GLY B 9 10.01 12.61 19.31
CA GLY B 9 10.31 13.93 18.84
C GLY B 9 9.06 14.61 18.44
N LYS B 10 9.24 15.83 17.98
CA LYS B 10 8.11 16.61 17.61
CA LYS B 10 8.15 16.68 17.62
C LYS B 10 8.28 16.98 16.13
N ALA B 11 7.19 16.85 15.35
CA ALA B 11 7.20 17.31 13.96
C ALA B 11 7.34 18.81 13.81
N THR B 12 8.30 19.22 12.97
CA THR B 12 8.45 20.59 12.65
C THR B 12 8.56 20.79 11.14
N GLY B 13 8.48 22.04 10.72
CA GLY B 13 8.87 22.41 9.36
C GLY B 13 7.70 22.50 8.40
N LYS B 14 8.00 22.89 7.17
CA LYS B 14 7.01 23.15 6.18
C LYS B 14 7.12 22.08 5.09
N GLY B 15 5.96 21.65 4.61
CA GLY B 15 5.88 20.75 3.42
C GLY B 15 5.88 21.62 2.18
N LYS B 16 5.36 21.07 1.09
CA LYS B 16 5.38 21.78 -0.20
C LYS B 16 4.01 21.70 -0.82
N PRO B 17 3.70 22.66 -1.75
CA PRO B 17 2.42 22.57 -2.51
C PRO B 17 2.34 21.25 -3.29
N VAL B 18 1.19 20.62 -3.25
CA VAL B 18 1.03 19.36 -3.92
C VAL B 18 -0.32 19.45 -4.65
N GLY B 19 -0.30 18.92 -5.87
CA GLY B 19 -1.46 18.87 -6.75
C GLY B 19 -2.07 17.47 -6.87
N ASP B 20 -2.65 17.20 -8.05
CA ASP B 20 -3.44 16.00 -8.27
C ASP B 20 -2.63 14.76 -8.67
N LYS B 21 -1.30 14.88 -8.73
CA LYS B 21 -0.46 13.73 -9.09
C LYS B 21 0.65 13.57 -8.09
N TRP B 22 0.29 13.46 -6.83
CA TRP B 22 1.25 13.62 -5.72
C TRP B 22 2.39 12.54 -5.79
N LEU B 23 2.01 11.27 -5.81
CA LEU B 23 3.01 10.17 -5.72
C LEU B 23 3.57 9.74 -7.07
N ASP B 24 3.16 10.43 -8.13
CA ASP B 24 3.95 10.35 -9.42
C ASP B 24 5.42 10.74 -9.24
N ASP B 25 5.67 11.64 -8.32
CA ASP B 25 7.01 12.03 -7.89
C ASP B 25 7.83 10.98 -7.10
N ALA B 26 7.17 9.95 -6.60
CA ALA B 26 7.72 9.17 -5.56
C ALA B 26 8.80 8.27 -6.16
N GLY B 27 8.72 7.96 -7.46
CA GLY B 27 9.79 7.16 -8.11
C GLY B 27 10.97 7.90 -8.78
N LYS B 28 11.11 9.19 -8.55
CA LYS B 28 12.07 10.07 -9.24
C LYS B 28 12.80 10.95 -8.23
N ASP B 29 14.05 11.29 -8.53
CA ASP B 29 14.79 12.22 -7.70
C ASP B 29 14.71 11.92 -6.22
N SER B 30 14.33 12.89 -5.37
CA SER B 30 14.32 12.58 -3.95
C SER B 30 12.95 12.06 -3.50
N GLY B 31 12.02 11.88 -4.42
CA GLY B 31 10.65 11.43 -3.99
C GLY B 31 9.68 12.61 -3.86
N ALA B 32 8.47 12.31 -3.34
CA ALA B 32 7.44 13.33 -3.24
C ALA B 32 7.52 13.99 -1.85
N PRO B 33 7.20 15.28 -1.76
CA PRO B 33 7.28 16.05 -0.49
C PRO B 33 6.06 15.72 0.39
N ILE B 34 6.22 16.01 1.69
CA ILE B 34 5.00 16.05 2.54
C ILE B 34 4.16 17.25 2.03
N PRO B 35 2.85 17.06 1.74
CA PRO B 35 2.08 18.24 1.29
C PRO B 35 2.02 19.29 2.42
N ASP B 36 2.09 20.55 2.02
CA ASP B 36 2.13 21.57 3.00
C ASP B 36 0.90 21.59 3.97
N ARG B 37 -0.32 21.32 3.46
CA ARG B 37 -1.47 21.33 4.39
C ARG B 37 -1.44 20.12 5.36
N ILE B 38 -0.80 19.03 4.98
CA ILE B 38 -0.58 17.92 5.91
C ILE B 38 0.40 18.30 6.98
N ALA B 39 1.54 18.89 6.55
CA ALA B 39 2.50 19.32 7.55
C ALA B 39 1.83 20.30 8.58
N ASP B 40 0.95 21.18 8.11
CA ASP B 40 0.27 22.19 9.00
C ASP B 40 -0.46 21.43 10.09
N LYS B 41 -1.02 20.27 9.75
CA LYS B 41 -1.86 19.53 10.72
C LYS B 41 -1.04 18.74 11.70
N LEU B 42 0.21 18.39 11.33
CA LEU B 42 1.07 17.59 12.20
C LEU B 42 2.08 18.42 12.98
N ARG B 43 2.26 19.68 12.58
CA ARG B 43 3.35 20.49 13.17
C ARG B 43 3.19 20.62 14.66
N ASP B 44 4.32 20.51 15.35
CA ASP B 44 4.43 20.64 16.81
C ASP B 44 3.69 19.60 17.62
N LYS B 45 3.09 18.58 16.96
CA LYS B 45 2.72 17.36 17.66
C LYS B 45 3.85 16.43 18.10
N GLU B 46 3.62 15.71 19.22
CA GLU B 46 4.62 14.85 19.79
CA GLU B 46 4.66 14.84 19.74
C GLU B 46 4.45 13.42 19.25
N PHE B 47 5.52 12.76 18.85
CA PHE B 47 5.43 11.36 18.39
C PHE B 47 6.34 10.49 19.22
N LYS B 48 5.89 9.25 19.53
CA LYS B 48 6.68 8.41 20.44
CA LYS B 48 6.65 8.36 20.42
C LYS B 48 7.94 7.83 19.80
N ASN B 49 7.95 7.72 18.45
CA ASN B 49 9.02 7.21 17.64
C ASN B 49 8.63 7.47 16.18
N PHE B 50 9.54 7.21 15.29
CA PHE B 50 9.23 7.45 13.88
C PHE B 50 8.05 6.58 13.38
N ASP B 51 7.95 5.34 13.83
CA ASP B 51 6.79 4.52 13.41
C ASP B 51 5.47 5.15 13.82
N ASP B 52 5.41 5.83 15.00
CA ASP B 52 4.23 6.59 15.38
C ASP B 52 3.87 7.71 14.36
N PHE B 53 4.89 8.43 13.95
CA PHE B 53 4.75 9.51 13.01
C PHE B 53 4.25 8.96 11.68
N ARG B 54 4.83 7.87 11.24
CA ARG B 54 4.51 7.24 9.97
C ARG B 54 3.04 6.85 9.96
N LYS B 55 2.58 6.22 11.05
CA LYS B 55 1.17 5.75 11.13
C LYS B 55 0.27 6.98 11.14
N LYS B 56 0.60 8.00 11.95
CA LYS B 56 -0.23 9.18 12.02
C LYS B 56 -0.19 10.00 10.72
N PHE B 57 0.94 9.94 10.02
CA PHE B 57 1.03 10.59 8.72
C PHE B 57 0.07 10.01 7.71
N TRP B 58 0.06 8.68 7.62
CA TRP B 58 -0.88 8.06 6.63
C TRP B 58 -2.35 8.31 7.06
N GLU B 59 -2.69 8.31 8.38
CA GLU B 59 -3.99 8.72 8.82
C GLU B 59 -4.35 10.14 8.41
N GLU B 60 -3.41 11.07 8.52
CA GLU B 60 -3.69 12.45 8.14
C GLU B 60 -3.98 12.53 6.59
N VAL B 61 -3.23 11.78 5.79
CA VAL B 61 -3.39 11.75 4.34
C VAL B 61 -4.82 11.26 4.05
N SER B 62 -5.27 10.28 4.85
CA SER B 62 -6.59 9.68 4.61
CA SER B 62 -6.61 9.69 4.62
C SER B 62 -7.69 10.75 4.81
N LYS B 63 -7.45 11.73 5.72
CA LYS B 63 -8.41 12.78 6.01
C LYS B 63 -8.43 13.93 5.05
N ASP B 64 -7.56 13.90 4.05
CA ASP B 64 -7.43 15.00 3.11
C ASP B 64 -8.07 14.58 1.80
N PRO B 65 -9.29 15.09 1.49
CA PRO B 65 -10.04 14.50 0.35
C PRO B 65 -9.27 14.57 -0.95
N ASP B 66 -8.47 15.64 -1.14
CA ASP B 66 -7.70 15.76 -2.37
C ASP B 66 -6.49 14.80 -2.49
N LEU B 67 -6.05 14.25 -1.38
CA LEU B 67 -5.05 13.14 -1.41
C LEU B 67 -5.74 11.79 -1.45
N SER B 68 -6.79 11.66 -0.65
CA SER B 68 -7.55 10.40 -0.60
CA SER B 68 -7.43 10.36 -0.61
C SER B 68 -8.04 9.93 -2.00
N LYS B 69 -8.48 10.87 -2.83
CA LYS B 69 -9.02 10.64 -4.16
C LYS B 69 -7.96 10.12 -5.09
N GLN B 70 -6.67 10.25 -4.74
CA GLN B 70 -5.54 9.74 -5.59
C GLN B 70 -5.28 8.24 -5.38
N PHE B 71 -6.03 7.59 -4.52
CA PHE B 71 -5.87 6.13 -4.20
C PHE B 71 -7.13 5.43 -4.57
N LYS B 72 -7.00 4.21 -5.06
CA LYS B 72 -8.20 3.41 -5.23
C LYS B 72 -8.73 2.76 -3.93
N GLY B 73 -9.78 1.92 -4.00
CA GLY B 73 -10.36 1.57 -2.75
C GLY B 73 -9.60 0.83 -1.68
N SER B 74 -8.78 -0.15 -2.05
CA SER B 74 -8.03 -0.92 -1.08
CA SER B 74 -8.04 -0.90 -1.03
C SER B 74 -6.93 -0.06 -0.46
N ASN B 75 -6.32 0.76 -1.27
CA ASN B 75 -5.30 1.68 -0.71
C ASN B 75 -5.97 2.76 0.22
N LYS B 76 -7.18 3.24 -0.10
CA LYS B 76 -7.86 4.11 0.82
C LYS B 76 -8.14 3.41 2.16
N THR B 77 -8.53 2.12 2.12
CA THR B 77 -8.71 1.40 3.36
C THR B 77 -7.41 1.29 4.19
N ASN B 78 -6.28 1.04 3.50
CA ASN B 78 -5.00 0.97 4.22
C ASN B 78 -4.64 2.28 4.93
N ILE B 79 -4.76 3.41 4.23
CA ILE B 79 -4.37 4.67 4.84
C ILE B 79 -5.35 5.09 5.99
N GLN B 80 -6.63 4.73 5.87
CA GLN B 80 -7.58 5.06 6.94
C GLN B 80 -7.15 4.24 8.16
N LYS B 81 -6.58 3.04 7.98
CA LYS B 81 -6.11 2.29 9.09
C LYS B 81 -4.67 2.64 9.53
N GLY B 82 -4.10 3.70 8.96
CA GLY B 82 -2.73 4.12 9.30
C GLY B 82 -1.68 3.17 8.77
N LYS B 83 -2.03 2.40 7.73
CA LYS B 83 -1.00 1.58 7.02
C LYS B 83 -0.54 2.31 5.74
N ALA B 84 0.73 2.20 5.38
CA ALA B 84 1.14 2.80 4.13
C ALA B 84 0.43 2.19 2.92
N PRO B 85 0.15 3.02 1.91
CA PRO B 85 -0.39 2.39 0.66
C PRO B 85 0.63 1.55 -0.11
N PHE B 86 0.14 0.61 -0.88
CA PHE B 86 0.98 -0.19 -1.77
C PHE B 86 1.41 0.64 -2.95
N ALA B 87 2.72 0.50 -3.30
CA ALA B 87 3.18 1.09 -4.59
C ALA B 87 2.74 0.23 -5.77
N ARG B 88 2.83 0.80 -6.96
CA ARG B 88 2.56 0.02 -8.20
C ARG B 88 3.54 -1.14 -8.28
N LYS B 89 3.13 -2.27 -8.88
CA LYS B 89 3.98 -3.45 -8.94
C LYS B 89 5.36 -3.14 -9.52
N LYS B 90 5.39 -2.37 -10.61
CA LYS B 90 6.69 -2.04 -11.26
C LYS B 90 7.68 -1.30 -10.35
N ASP B 91 7.18 -0.68 -9.28
CA ASP B 91 8.03 0.16 -8.41
C ASP B 91 8.42 -0.53 -7.08
N GLN B 92 7.85 -1.73 -6.85
CA GLN B 92 8.16 -2.47 -5.70
C GLN B 92 9.51 -3.25 -5.85
N VAL B 93 10.00 -3.67 -4.70
CA VAL B 93 11.17 -4.60 -4.62
C VAL B 93 10.70 -5.82 -3.86
N GLY B 94 11.28 -7.00 -4.15
CA GLY B 94 10.91 -8.16 -3.35
C GLY B 94 10.85 -7.93 -1.83
N GLY B 95 9.74 -8.22 -1.16
CA GLY B 95 9.67 -7.94 0.28
C GLY B 95 9.41 -6.49 0.70
N ARG B 96 9.31 -5.60 -0.30
CA ARG B 96 9.10 -4.16 -0.01
C ARG B 96 8.06 -3.64 -0.99
N GLU B 97 6.78 -3.73 -0.63
CA GLU B 97 5.66 -3.53 -1.58
C GLU B 97 5.05 -2.12 -1.41
N ARG B 98 5.31 -1.51 -0.25
CA ARG B 98 4.57 -0.23 0.09
C ARG B 98 5.44 0.98 -0.05
N PHE B 99 4.81 2.11 -0.32
CA PHE B 99 5.56 3.41 -0.30
C PHE B 99 6.31 3.61 1.05
N GLU B 100 7.51 4.20 1.03
CA GLU B 100 8.40 4.35 2.18
C GLU B 100 8.67 5.82 2.42
N LEU B 101 8.80 6.19 3.68
CA LEU B 101 9.21 7.55 4.03
C LEU B 101 10.72 7.59 4.08
N HIS B 102 11.33 8.52 3.36
CA HIS B 102 12.81 8.64 3.25
C HIS B 102 13.19 10.01 3.78
N HIS B 103 14.36 10.08 4.40
CA HIS B 103 14.90 11.33 4.87
C HIS B 103 15.93 11.85 3.86
N ASP B 104 15.61 12.98 3.27
CA ASP B 104 16.39 13.53 2.14
C ASP B 104 17.87 13.73 2.60
N LYS B 105 18.02 14.49 3.68
CA LYS B 105 19.30 14.45 4.42
C LYS B 105 19.13 13.27 5.39
N PRO B 106 19.93 12.23 5.20
CA PRO B 106 19.69 11.00 5.98
C PRO B 106 19.83 11.24 7.47
N ILE B 107 19.08 10.44 8.24
CA ILE B 107 19.17 10.45 9.69
C ILE B 107 20.64 10.22 10.16
N SER B 108 21.36 9.38 9.44
CA SER B 108 22.74 9.07 9.80
C SER B 108 23.65 10.30 9.62
N GLN B 109 23.19 11.25 8.80
CA GLN B 109 23.93 12.51 8.51
C GLN B 109 23.37 13.71 9.34
N ASP B 110 22.63 13.40 10.43
CA ASP B 110 21.96 14.32 11.35
C ASP B 110 20.79 15.03 10.68
N GLY B 111 20.30 14.49 9.57
CA GLY B 111 18.98 14.93 9.04
C GLY B 111 17.88 14.73 10.09
N GLY B 112 16.95 15.68 10.16
CA GLY B 112 15.94 15.64 11.25
C GLY B 112 14.94 14.52 11.00
N VAL B 113 14.69 13.74 12.06
CA VAL B 113 13.82 12.56 11.90
C VAL B 113 12.38 12.99 11.67
N TYR B 114 11.96 14.03 12.37
CA TYR B 114 10.54 14.46 12.23
C TYR B 114 10.47 15.84 11.54
N ASP B 115 11.54 16.21 10.86
CA ASP B 115 11.62 17.47 10.08
C ASP B 115 10.82 17.25 8.77
N MET B 116 9.63 17.88 8.68
CA MET B 116 8.76 17.56 7.53
C MET B 116 9.25 18.20 6.22
N ASN B 117 10.19 19.17 6.30
CA ASN B 117 10.85 19.61 5.04
C ASN B 117 11.83 18.54 4.53
N ASN B 118 12.27 17.68 5.41
CA ASN B 118 13.26 16.67 5.08
C ASN B 118 12.66 15.30 4.69
N ILE B 119 11.40 15.08 4.95
CA ILE B 119 10.86 13.77 4.73
C ILE B 119 10.30 13.69 3.34
N ARG B 120 10.48 12.56 2.67
CA ARG B 120 9.93 12.36 1.34
CA ARG B 120 9.95 12.38 1.33
C ARG B 120 9.16 11.04 1.23
N VAL B 121 8.17 10.97 0.33
CA VAL B 121 7.52 9.64 0.09
C VAL B 121 8.16 9.07 -1.14
N THR B 122 8.76 7.89 -1.01
CA THR B 122 9.43 7.23 -2.15
C THR B 122 8.88 5.85 -2.42
N THR B 123 9.04 5.41 -3.66
CA THR B 123 8.81 3.98 -3.98
C THR B 123 10.02 3.16 -3.41
N PRO B 124 9.81 1.85 -3.17
CA PRO B 124 10.91 1.02 -2.69
C PRO B 124 12.13 1.03 -3.65
N LYS B 125 11.88 0.95 -4.97
CA LYS B 125 12.97 0.94 -5.97
C LYS B 125 13.74 2.27 -5.86
N ARG B 126 12.99 3.40 -5.77
CA ARG B 126 13.69 4.65 -5.75
C ARG B 126 14.40 4.89 -4.45
N HIS B 127 13.90 4.41 -3.29
CA HIS B 127 14.60 4.63 -2.01
C HIS B 127 15.97 3.93 -2.06
N ILE B 128 15.93 2.71 -2.59
CA ILE B 128 17.18 1.94 -2.77
C ILE B 128 18.09 2.70 -3.74
N ASP B 129 17.57 3.13 -4.88
CA ASP B 129 18.42 3.79 -5.93
C ASP B 129 18.96 5.14 -5.42
N ILE B 130 18.20 5.85 -4.61
CA ILE B 130 18.76 7.11 -3.97
C ILE B 130 20.00 6.77 -3.19
N HIS B 131 19.94 5.71 -2.39
CA HIS B 131 21.05 5.39 -1.48
C HIS B 131 22.30 4.72 -2.14
N ARG B 132 22.14 4.16 -3.32
CA ARG B 132 23.29 3.68 -4.10
C ARG B 132 23.69 4.64 -5.25
N GLY B 133 23.23 5.88 -5.16
CA GLY B 133 23.65 6.94 -6.06
C GLY B 133 23.09 6.91 -7.47
N LYS B 134 21.89 6.37 -7.62
N LYS B 134 21.85 6.43 -7.64
CA LYS B 134 21.24 6.38 -8.92
CA LYS B 134 21.21 6.41 -8.98
C LYS B 134 20.12 7.41 -8.92
C LYS B 134 20.09 7.44 -9.16
#